data_5XSO
#
_entry.id   5XSO
#
_cell.length_a   70.849
_cell.length_b   79.335
_cell.length_c   120.121
_cell.angle_alpha   90.00
_cell.angle_beta   90.00
_cell.angle_gamma   90.00
#
_symmetry.space_group_name_H-M   'C 2 2 21'
#
loop_
_entity.id
_entity.type
_entity.pdbx_description
1 polymer 'Response regulator FixJ'
2 non-polymer GLYCEROL
3 non-polymer 'FORMIC ACID'
4 water water
#
_entity_poly.entity_id   1
_entity_poly.type   'polypeptide(L)'
_entity_poly.pdbx_seq_one_letter_code
;GPGYQDPNSVMTTKGHIYVIDDDAAMRDSLNFLLDSAGFGVTLFDDAQAFLDALPGLSFGCVVSDVRMPGLDGIELLKRM
KAQQSPFPILIMTGHGDVPLAVEAMKLGAVDFLEKPFEDDRLTAMIESAIRQAEPAAKSEAVAQDIAARVASLSPRERQV
MEGLIAGLSNKLIAREYDISPRTIEVYRANVMTKMQANSLSELVRLAMRAGMLND
;
_entity_poly.pdbx_strand_id   A
#
loop_
_chem_comp.id
_chem_comp.type
_chem_comp.name
_chem_comp.formula
FMT non-polymer 'FORMIC ACID' 'C H2 O2'
GOL non-polymer GLYCEROL 'C3 H8 O3'
#
# COMPACT_ATOMS: atom_id res chain seq x y z
N THR A 12 12.18 11.35 18.50
CA THR A 12 11.17 10.36 18.91
C THR A 12 9.75 10.93 19.08
N THR A 13 8.79 10.39 18.33
CA THR A 13 7.40 10.89 18.33
C THR A 13 6.45 9.71 18.27
N LYS A 14 5.16 9.99 18.49
CA LYS A 14 4.13 8.97 18.43
C LYS A 14 3.75 8.61 16.99
N GLY A 15 4.41 9.20 16.02
CA GLY A 15 4.04 9.03 14.63
C GLY A 15 4.16 10.36 13.93
N HIS A 16 4.39 10.32 12.62
CA HIS A 16 4.49 11.53 11.81
C HIS A 16 3.21 11.73 11.01
N ILE A 17 2.76 12.99 10.93
CA ILE A 17 1.49 13.33 10.25
C ILE A 17 1.79 14.25 9.08
N TYR A 18 1.22 13.97 7.92
CA TYR A 18 1.36 14.84 6.77
C TYR A 18 0.02 15.54 6.60
N VAL A 19 -0.02 16.83 6.92
CA VAL A 19 -1.27 17.61 6.83
C VAL A 19 -1.36 18.28 5.46
N ILE A 20 -2.50 18.13 4.80
CA ILE A 20 -2.72 18.73 3.49
C ILE A 20 -3.98 19.56 3.57
N ASP A 21 -3.84 20.89 3.60
CA ASP A 21 -5.02 21.72 3.74
C ASP A 21 -4.71 23.08 3.18
N ASP A 22 -5.55 23.59 2.29
CA ASP A 22 -5.20 24.92 1.81
C ASP A 22 -5.67 26.02 2.78
N ASP A 23 -6.37 25.68 3.87
CA ASP A 23 -6.83 26.68 4.84
C ASP A 23 -5.78 26.90 5.91
N ALA A 24 -5.24 28.14 5.97
CA ALA A 24 -4.19 28.45 6.93
C ALA A 24 -4.65 28.18 8.37
N ALA A 25 -5.89 28.51 8.71
CA ALA A 25 -6.33 28.36 10.10
C ALA A 25 -6.46 26.89 10.48
N MET A 26 -6.90 26.04 9.53
CA MET A 26 -6.86 24.59 9.78
C MET A 26 -5.44 24.11 10.01
N ARG A 27 -4.51 24.50 9.11
CA ARG A 27 -3.10 24.08 9.26
C ARG A 27 -2.57 24.49 10.62
N ASP A 28 -2.81 25.75 11.02
CA ASP A 28 -2.34 26.17 12.34
C ASP A 28 -2.96 25.35 13.45
N SER A 29 -4.27 25.11 13.37
CA SER A 29 -4.98 24.39 14.43
C SER A 29 -4.54 22.92 14.51
N LEU A 30 -4.42 22.25 13.36
CA LEU A 30 -3.85 20.89 13.34
C LEU A 30 -2.42 20.88 13.84
N ASN A 31 -1.60 21.82 13.36
CA ASN A 31 -0.20 21.88 13.79
C ASN A 31 -0.16 21.86 15.32
N PHE A 32 -0.96 22.72 15.93
CA PHE A 32 -0.89 22.86 17.38
C PHE A 32 -1.38 21.60 18.09
N LEU A 33 -2.57 21.13 17.74
CA LEU A 33 -3.14 19.99 18.48
C LEU A 33 -2.35 18.69 18.28
N LEU A 34 -1.76 18.47 17.10
CA LEU A 34 -1.01 17.24 16.92
C LEU A 34 0.27 17.27 17.76
N ASP A 35 0.89 18.44 17.85
CA ASP A 35 2.08 18.55 18.69
C ASP A 35 1.76 18.26 20.14
N SER A 36 0.62 18.79 20.63
CA SER A 36 0.23 18.53 22.02
C SER A 36 0.03 17.05 22.28
N ALA A 37 -0.40 16.31 21.27
CA ALA A 37 -0.55 14.88 21.42
C ALA A 37 0.76 14.12 21.23
N GLY A 38 1.84 14.77 20.84
CA GLY A 38 3.11 14.09 20.73
C GLY A 38 3.48 13.59 19.35
N PHE A 39 2.76 13.99 18.31
CA PHE A 39 3.09 13.60 16.93
C PHE A 39 4.08 14.58 16.29
N GLY A 40 4.86 14.10 15.34
CA GLY A 40 5.55 14.99 14.41
C GLY A 40 4.65 15.38 13.22
N VAL A 41 4.89 16.56 12.65
CA VAL A 41 4.00 17.13 11.63
C VAL A 41 4.79 17.78 10.50
N THR A 42 4.35 17.54 9.25
CA THR A 42 4.83 18.26 8.07
C THR A 42 3.59 18.75 7.33
N LEU A 43 3.58 20.00 6.88
CA LEU A 43 2.32 20.56 6.36
C LEU A 43 2.48 20.94 4.90
N PHE A 44 1.41 20.81 4.14
CA PHE A 44 1.41 21.21 2.74
C PHE A 44 0.17 22.08 2.47
N ASP A 45 0.35 23.20 1.77
CA ASP A 45 -0.81 23.99 1.42
C ASP A 45 -1.19 23.79 -0.05
N ASP A 46 -0.38 23.02 -0.77
CA ASP A 46 -0.47 22.89 -2.22
C ASP A 46 -0.49 21.42 -2.56
N ALA A 47 -1.47 21.02 -3.36
CA ALA A 47 -1.60 19.62 -3.79
C ALA A 47 -0.31 19.08 -4.39
N GLN A 48 0.24 19.80 -5.38
CA GLN A 48 1.41 19.29 -6.09
C GLN A 48 2.57 19.13 -5.13
N ALA A 49 2.72 20.10 -4.20
CA ALA A 49 3.83 20.08 -3.26
C ALA A 49 3.91 18.75 -2.51
N PHE A 50 2.77 18.22 -2.07
CA PHE A 50 2.80 16.93 -1.38
C PHE A 50 3.27 15.83 -2.32
N LEU A 51 2.72 15.78 -3.53
CA LEU A 51 3.11 14.72 -4.44
C LEU A 51 4.57 14.84 -4.86
N ASP A 52 5.07 16.07 -5.00
CA ASP A 52 6.48 16.28 -5.28
C ASP A 52 7.34 15.73 -4.16
N ALA A 53 6.94 15.92 -2.91
CA ALA A 53 7.72 15.42 -1.79
C ALA A 53 7.56 13.93 -1.57
N LEU A 54 6.47 13.34 -2.06
CA LEU A 54 6.04 12.04 -1.55
C LEU A 54 7.06 10.92 -1.75
N PRO A 55 7.80 10.83 -2.85
CA PRO A 55 8.82 9.77 -2.93
C PRO A 55 9.92 9.87 -1.87
N GLY A 56 10.17 11.04 -1.29
CA GLY A 56 11.17 11.18 -0.27
C GLY A 56 10.69 11.18 1.17
N LEU A 57 9.38 11.01 1.41
CA LEU A 57 8.85 11.07 2.77
C LEU A 57 8.89 9.73 3.46
N SER A 58 9.19 9.76 4.75
CA SER A 58 9.15 8.56 5.57
C SER A 58 7.73 8.30 6.07
N PHE A 59 7.51 7.09 6.58
CA PHE A 59 6.17 6.62 6.90
C PHE A 59 5.44 7.57 7.84
N GLY A 60 4.17 7.83 7.54
CA GLY A 60 3.35 8.61 8.44
C GLY A 60 1.91 8.57 7.95
N CYS A 61 1.06 9.27 8.68
CA CYS A 61 -0.37 9.29 8.40
C CYS A 61 -0.69 10.59 7.67
N VAL A 62 -1.45 10.50 6.59
CA VAL A 62 -1.90 11.69 5.86
C VAL A 62 -3.25 12.13 6.39
N VAL A 63 -3.40 13.43 6.67
CA VAL A 63 -4.67 14.02 7.07
C VAL A 63 -4.97 15.15 6.08
N SER A 64 -5.97 14.95 5.19
CA SER A 64 -6.13 15.85 4.05
C SER A 64 -7.56 16.35 3.96
N ASP A 65 -7.70 17.63 3.66
CA ASP A 65 -9.00 18.17 3.21
C ASP A 65 -9.52 17.46 1.97
N VAL A 66 -10.84 17.22 1.95
CA VAL A 66 -11.48 16.42 0.93
C VAL A 66 -11.48 17.14 -0.40
N ARG A 67 -11.48 18.48 -0.38
CA ARG A 67 -11.56 19.25 -1.61
C ARG A 67 -10.36 20.18 -1.80
N MET A 68 -9.15 19.68 -1.52
CA MET A 68 -7.92 20.37 -1.88
C MET A 68 -7.94 20.74 -3.35
N PRO A 69 -7.80 22.02 -3.70
CA PRO A 69 -7.71 22.40 -5.12
C PRO A 69 -6.57 21.67 -5.82
N GLY A 70 -6.91 20.87 -6.83
CA GLY A 70 -5.91 20.12 -7.56
C GLY A 70 -5.60 18.74 -7.02
N LEU A 71 -6.20 18.34 -5.90
CA LEU A 71 -6.06 16.99 -5.41
C LEU A 71 -7.19 16.74 -4.43
N ASP A 72 -8.42 16.71 -4.93
CA ASP A 72 -9.53 16.40 -4.04
C ASP A 72 -9.32 15.02 -3.43
N GLY A 73 -10.24 14.57 -2.59
CA GLY A 73 -10.04 13.29 -1.94
C GLY A 73 -9.85 12.14 -2.91
N ILE A 74 -10.65 12.13 -4.00
CA ILE A 74 -10.53 11.06 -4.99
C ILE A 74 -9.17 11.11 -5.67
N GLU A 75 -8.75 12.30 -6.10
CA GLU A 75 -7.51 12.38 -6.89
C GLU A 75 -6.31 12.02 -6.03
N LEU A 76 -6.28 12.54 -4.79
CA LEU A 76 -5.23 12.18 -3.85
C LEU A 76 -5.11 10.67 -3.71
N LEU A 77 -6.25 10.01 -3.44
CA LEU A 77 -6.23 8.56 -3.29
C LEU A 77 -5.78 7.86 -4.57
N LYS A 78 -6.26 8.32 -5.73
CA LYS A 78 -5.82 7.70 -6.99
C LYS A 78 -4.31 7.81 -7.15
N ARG A 79 -3.73 8.99 -6.88
CA ARG A 79 -2.28 9.12 -6.98
C ARG A 79 -1.54 8.29 -5.93
N MET A 80 -2.04 8.25 -4.70
CA MET A 80 -1.32 7.54 -3.64
C MET A 80 -1.19 6.06 -3.95
N LYS A 81 -2.24 5.46 -4.48
CA LYS A 81 -2.14 4.04 -4.80
C LYS A 81 -1.39 3.81 -6.10
N ALA A 82 -1.44 4.76 -7.02
CA ALA A 82 -0.53 4.70 -8.17
C ALA A 82 0.92 4.64 -7.69
N GLN A 83 1.27 5.39 -6.63
CA GLN A 83 2.61 5.32 -6.07
C GLN A 83 2.78 4.11 -5.13
N GLN A 84 1.75 3.30 -4.93
CA GLN A 84 1.80 2.17 -3.99
C GLN A 84 2.26 2.66 -2.59
N SER A 85 1.73 3.79 -2.17
CA SER A 85 2.07 4.32 -0.85
C SER A 85 1.45 3.48 0.25
N PRO A 86 2.21 3.08 1.26
CA PRO A 86 1.62 2.44 2.45
C PRO A 86 1.06 3.43 3.47
N PHE A 87 1.09 4.71 3.21
CA PHE A 87 0.63 5.69 4.24
C PHE A 87 -0.88 5.60 4.40
N PRO A 88 -1.41 5.49 5.61
CA PRO A 88 -2.86 5.60 5.77
C PRO A 88 -3.30 7.05 5.54
N ILE A 89 -4.52 7.20 5.02
CA ILE A 89 -5.05 8.54 4.73
C ILE A 89 -6.39 8.75 5.46
N LEU A 90 -6.49 9.85 6.20
CA LEU A 90 -7.75 10.32 6.79
C LEU A 90 -8.22 11.57 6.05
N ILE A 91 -9.52 11.68 5.81
CA ILE A 91 -10.12 12.76 5.03
C ILE A 91 -10.94 13.63 5.95
N MET A 92 -10.67 14.94 5.97
CA MET A 92 -11.45 15.95 6.67
C MET A 92 -12.46 16.56 5.71
N THR A 93 -13.69 16.76 6.16
CA THR A 93 -14.72 17.17 5.20
C THR A 93 -15.82 17.95 5.91
N GLY A 94 -16.39 18.95 5.21
CA GLY A 94 -17.66 19.51 5.64
C GLY A 94 -18.80 18.53 5.34
N HIS A 95 -19.99 18.74 5.93
CA HIS A 95 -21.04 17.74 5.75
C HIS A 95 -21.43 17.63 4.29
N GLY A 96 -21.36 18.72 3.54
CA GLY A 96 -21.78 18.67 2.14
C GLY A 96 -20.91 17.78 1.28
N ASP A 97 -19.68 17.52 1.70
CA ASP A 97 -18.76 16.75 0.90
C ASP A 97 -18.56 15.34 1.41
N VAL A 98 -19.36 14.94 2.40
CA VAL A 98 -19.28 13.57 2.92
C VAL A 98 -19.33 12.55 1.77
N PRO A 99 -20.16 12.74 0.75
CA PRO A 99 -20.17 11.74 -0.34
C PRO A 99 -18.86 11.66 -1.08
N LEU A 100 -18.14 12.76 -1.23
CA LEU A 100 -16.81 12.71 -1.82
C LEU A 100 -15.85 11.95 -0.91
N ALA A 101 -15.90 12.24 0.39
CA ALA A 101 -15.17 11.44 1.36
C ALA A 101 -15.51 9.96 1.23
N VAL A 102 -16.78 9.64 0.95
CA VAL A 102 -17.14 8.25 0.78
C VAL A 102 -16.39 7.64 -0.41
N GLU A 103 -16.31 8.37 -1.51
CA GLU A 103 -15.59 7.85 -2.67
C GLU A 103 -14.13 7.60 -2.32
N ALA A 104 -13.53 8.52 -1.55
CA ALA A 104 -12.14 8.35 -1.14
C ALA A 104 -11.96 7.11 -0.29
N MET A 105 -12.90 6.81 0.60
CA MET A 105 -12.73 5.58 1.34
C MET A 105 -12.89 4.35 0.45
N LYS A 106 -13.76 4.43 -0.55
CA LYS A 106 -13.87 3.28 -1.46
C LYS A 106 -12.56 3.06 -2.20
N LEU A 107 -11.83 4.15 -2.48
CA LEU A 107 -10.53 4.07 -3.11
C LEU A 107 -9.39 3.76 -2.14
N GLY A 108 -9.66 3.72 -0.83
CA GLY A 108 -8.63 3.26 0.08
C GLY A 108 -8.38 4.15 1.30
N ALA A 109 -8.98 5.33 1.36
CA ALA A 109 -8.80 6.13 2.57
C ALA A 109 -9.32 5.35 3.79
N VAL A 110 -8.64 5.53 4.94
CA VAL A 110 -8.96 4.73 6.11
C VAL A 110 -10.27 5.21 6.78
N ASP A 111 -10.47 6.51 6.89
CA ASP A 111 -11.67 7.00 7.60
C ASP A 111 -11.80 8.48 7.26
N PHE A 112 -12.85 9.13 7.76
CA PHE A 112 -13.10 10.54 7.50
C PHE A 112 -13.56 11.20 8.79
N LEU A 113 -13.50 12.53 8.81
CA LEU A 113 -14.01 13.31 9.93
C LEU A 113 -14.87 14.43 9.40
N GLU A 114 -16.10 14.54 9.89
CA GLU A 114 -16.93 15.68 9.54
C GLU A 114 -16.56 16.85 10.44
N LYS A 115 -16.20 18.00 9.82
CA LYS A 115 -15.88 19.21 10.59
C LYS A 115 -17.17 19.86 11.11
N PRO A 116 -17.10 20.55 12.25
CA PRO A 116 -15.93 20.64 13.15
C PRO A 116 -15.80 19.33 13.94
N PHE A 117 -14.58 18.92 14.27
CA PHE A 117 -14.38 17.71 15.04
C PHE A 117 -13.52 18.03 16.26
N GLU A 118 -13.59 17.16 17.27
CA GLU A 118 -12.77 17.34 18.47
C GLU A 118 -11.34 16.86 18.26
N ASP A 119 -10.40 17.53 18.94
CA ASP A 119 -8.97 17.18 18.84
C ASP A 119 -8.76 15.70 19.10
N ASP A 120 -9.42 15.17 20.14
CA ASP A 120 -9.13 13.81 20.56
C ASP A 120 -9.72 12.78 19.61
N ARG A 121 -10.80 13.13 18.90
CA ARG A 121 -11.32 12.21 17.90
C ARG A 121 -10.31 12.01 16.77
N LEU A 122 -9.66 13.10 16.35
CA LEU A 122 -8.62 12.98 15.32
C LEU A 122 -7.45 12.15 15.85
N THR A 123 -6.96 12.46 17.05
CA THR A 123 -5.73 11.78 17.46
C THR A 123 -5.97 10.30 17.71
N ALA A 124 -7.15 9.94 18.25
CA ALA A 124 -7.50 8.52 18.37
C ALA A 124 -7.60 7.84 17.00
N MET A 125 -8.15 8.55 16.02
CA MET A 125 -8.25 7.94 14.69
C MET A 125 -6.88 7.76 14.09
N ILE A 126 -5.98 8.73 14.29
CA ILE A 126 -4.64 8.60 13.77
C ILE A 126 -3.94 7.43 14.42
N GLU A 127 -4.07 7.28 15.75
CA GLU A 127 -3.37 6.19 16.43
C GLU A 127 -3.79 4.85 15.86
N SER A 128 -5.08 4.69 15.59
CA SER A 128 -5.58 3.44 15.05
C SER A 128 -5.06 3.22 13.63
N ALA A 129 -5.07 4.28 12.81
CA ALA A 129 -4.60 4.19 11.42
C ALA A 129 -3.14 3.80 11.34
N ILE A 130 -2.30 4.44 12.16
CA ILE A 130 -0.88 4.14 12.16
C ILE A 130 -0.66 2.71 12.61
N ARG A 131 -1.35 2.31 13.67
CA ARG A 131 -1.19 0.96 14.20
CA ARG A 131 -1.19 0.96 14.20
C ARG A 131 -1.52 -0.11 13.14
N GLN A 132 -2.59 0.11 12.36
CA GLN A 132 -2.99 -0.86 11.36
C GLN A 132 -2.10 -0.83 10.12
N ALA A 133 -1.62 0.35 9.72
CA ALA A 133 -0.81 0.48 8.51
C ALA A 133 0.68 0.20 8.72
N GLU A 134 1.18 0.35 9.95
CA GLU A 134 2.62 0.23 10.15
C GLU A 134 3.16 -1.11 9.71
N PRO A 135 2.55 -2.27 10.04
CA PRO A 135 3.11 -3.55 9.59
C PRO A 135 3.40 -3.61 8.10
N ALA A 136 2.48 -3.16 7.23
CA ALA A 136 2.77 -3.22 5.79
C ALA A 136 3.88 -2.23 5.41
N ALA A 137 3.87 -1.04 6.00
CA ALA A 137 5.00 -0.12 5.85
C ALA A 137 6.33 -0.81 6.21
N LYS A 138 6.35 -1.58 7.29
CA LYS A 138 7.61 -2.21 7.71
C LYS A 138 8.02 -3.30 6.72
N SER A 139 7.04 -4.01 6.15
CA SER A 139 7.31 -5.15 5.27
C SER A 139 7.44 -4.77 3.78
N GLU A 140 7.59 -3.48 3.49
CA GLU A 140 7.52 -2.96 2.13
C GLU A 140 8.77 -3.27 1.33
N ALA A 141 9.96 -3.00 1.90
CA ALA A 141 11.19 -3.27 1.16
C ALA A 141 11.29 -4.75 0.75
N VAL A 142 10.89 -5.67 1.65
CA VAL A 142 10.98 -7.09 1.29
C VAL A 142 9.90 -7.46 0.28
N ALA A 143 8.66 -6.94 0.46
CA ALA A 143 7.62 -7.21 -0.54
C ALA A 143 8.03 -6.66 -1.89
N GLN A 144 8.74 -5.54 -1.92
CA GLN A 144 9.19 -5.07 -3.22
C GLN A 144 10.31 -5.94 -3.74
N ASP A 145 11.15 -6.51 -2.85
CA ASP A 145 12.16 -7.45 -3.33
C ASP A 145 11.48 -8.68 -3.93
N ILE A 146 10.45 -9.20 -3.26
CA ILE A 146 9.75 -10.39 -3.77
C ILE A 146 9.11 -10.10 -5.12
N ALA A 147 8.45 -8.94 -5.24
CA ALA A 147 7.86 -8.58 -6.52
C ALA A 147 8.92 -8.50 -7.61
N ALA A 148 10.10 -7.98 -7.27
CA ALA A 148 11.17 -7.94 -8.24
C ALA A 148 11.53 -9.36 -8.68
N ARG A 149 11.60 -10.29 -7.71
CA ARG A 149 11.90 -11.67 -8.04
C ARG A 149 10.87 -12.23 -8.98
N VAL A 150 9.58 -11.98 -8.69
CA VAL A 150 8.50 -12.49 -9.56
C VAL A 150 8.63 -11.89 -10.95
N ALA A 151 8.94 -10.59 -11.03
CA ALA A 151 9.11 -9.95 -12.32
C ALA A 151 10.30 -10.49 -13.08
N SER A 152 11.27 -11.11 -12.39
CA SER A 152 12.42 -11.66 -13.08
C SER A 152 12.12 -13.01 -13.73
N LEU A 153 11.03 -13.67 -13.36
CA LEU A 153 10.66 -14.93 -14.03
C LEU A 153 10.33 -14.69 -15.50
N SER A 154 10.65 -15.67 -16.36
CA SER A 154 10.18 -15.63 -17.75
C SER A 154 8.69 -15.95 -17.74
N PRO A 155 8.01 -15.75 -18.86
CA PRO A 155 6.59 -16.10 -18.91
C PRO A 155 6.33 -17.56 -18.61
N ARG A 156 7.13 -18.49 -19.14
CA ARG A 156 6.85 -19.89 -18.85
C ARG A 156 7.16 -20.20 -17.40
N GLU A 157 8.21 -19.57 -16.87
CA GLU A 157 8.52 -19.77 -15.44
C GLU A 157 7.38 -19.30 -14.56
N ARG A 158 6.74 -18.18 -14.94
CA ARG A 158 5.60 -17.70 -14.17
C ARG A 158 4.46 -18.69 -14.23
N GLN A 159 4.19 -19.26 -15.43
CA GLN A 159 3.17 -20.30 -15.55
C GLN A 159 3.50 -21.53 -14.73
N VAL A 160 4.74 -21.99 -14.76
CA VAL A 160 5.14 -23.15 -13.97
C VAL A 160 4.97 -22.86 -12.48
N MET A 161 5.36 -21.67 -12.02
CA MET A 161 5.12 -21.29 -10.62
CA MET A 161 5.13 -21.34 -10.62
C MET A 161 3.64 -21.38 -10.29
N GLU A 162 2.79 -20.82 -11.17
CA GLU A 162 1.35 -20.88 -10.94
CA GLU A 162 1.35 -20.87 -10.94
C GLU A 162 0.85 -22.30 -10.89
N GLY A 163 1.28 -23.14 -11.84
CA GLY A 163 0.84 -24.53 -11.87
C GLY A 163 1.29 -25.31 -10.64
N LEU A 164 2.53 -25.06 -10.18
CA LEU A 164 3.01 -25.74 -8.96
C LEU A 164 2.16 -25.37 -7.78
N ILE A 165 1.87 -24.08 -7.61
CA ILE A 165 1.08 -23.63 -6.46
C ILE A 165 -0.35 -24.15 -6.52
N ALA A 166 -0.91 -24.24 -7.73
CA ALA A 166 -2.25 -24.79 -7.97
C ALA A 166 -2.32 -26.30 -7.75
N GLY A 167 -1.19 -26.98 -7.59
CA GLY A 167 -1.16 -28.41 -7.31
C GLY A 167 -1.13 -29.30 -8.55
N LEU A 168 -0.84 -28.75 -9.70
CA LEU A 168 -0.72 -29.60 -10.89
C LEU A 168 0.54 -30.44 -10.86
N SER A 169 0.41 -31.66 -11.39
CA SER A 169 1.56 -32.48 -11.70
C SER A 169 2.36 -31.84 -12.83
N ASN A 170 3.60 -32.30 -13.01
CA ASN A 170 4.36 -31.86 -14.19
C ASN A 170 3.65 -32.16 -15.50
N LYS A 171 3.03 -33.35 -15.61
CA LYS A 171 2.31 -33.70 -16.84
C LYS A 171 1.17 -32.74 -17.08
N LEU A 172 0.47 -32.36 -16.03
CA LEU A 172 -0.63 -31.42 -16.21
C LEU A 172 -0.14 -30.00 -16.44
N ILE A 173 0.98 -29.60 -15.84
CA ILE A 173 1.52 -28.27 -16.16
C ILE A 173 1.84 -28.17 -17.64
N ALA A 174 2.54 -29.18 -18.17
CA ALA A 174 2.85 -29.26 -19.60
C ALA A 174 1.59 -29.16 -20.45
N ARG A 175 0.57 -29.94 -20.10
CA ARG A 175 -0.65 -29.96 -20.90
CA ARG A 175 -0.64 -29.96 -20.92
C ARG A 175 -1.42 -28.65 -20.78
N GLU A 176 -1.48 -28.09 -19.58
CA GLU A 176 -2.31 -26.90 -19.37
C GLU A 176 -1.75 -25.71 -20.11
N TYR A 177 -0.43 -25.54 -20.07
CA TYR A 177 0.17 -24.34 -20.67
C TYR A 177 0.80 -24.59 -22.02
N ASP A 178 0.83 -25.85 -22.49
CA ASP A 178 1.46 -26.21 -23.78
C ASP A 178 2.98 -25.98 -23.71
N ILE A 179 3.61 -26.57 -22.68
CA ILE A 179 5.05 -26.55 -22.44
C ILE A 179 5.58 -27.96 -22.70
N SER A 180 6.74 -28.10 -23.33
CA SER A 180 7.29 -29.44 -23.50
C SER A 180 7.53 -30.12 -22.14
N PRO A 181 7.13 -31.39 -21.95
CA PRO A 181 7.43 -32.11 -20.70
C PRO A 181 8.89 -32.08 -20.29
N ARG A 182 9.83 -32.12 -21.26
CA ARG A 182 11.25 -32.11 -20.88
C ARG A 182 11.72 -30.78 -20.35
N THR A 183 10.89 -29.71 -20.37
CA THR A 183 11.35 -28.43 -19.83
C THR A 183 10.73 -28.10 -18.48
N ILE A 184 9.79 -28.93 -17.97
CA ILE A 184 9.09 -28.53 -16.74
C ILE A 184 10.06 -28.44 -15.56
N GLU A 185 10.93 -29.43 -15.41
CA GLU A 185 11.86 -29.36 -14.29
C GLU A 185 12.90 -28.28 -14.50
N VAL A 186 13.23 -27.94 -15.75
CA VAL A 186 14.15 -26.82 -16.00
C VAL A 186 13.54 -25.53 -15.48
N TYR A 187 12.28 -25.29 -15.85
CA TYR A 187 11.61 -24.10 -15.38
C TYR A 187 11.41 -24.14 -13.87
N ARG A 188 11.04 -25.31 -13.32
CA ARG A 188 10.89 -25.37 -11.86
C ARG A 188 12.17 -24.91 -11.17
N ALA A 189 13.30 -25.46 -11.62
CA ALA A 189 14.59 -25.12 -10.98
C ALA A 189 14.85 -23.61 -11.09
N ASN A 190 14.58 -23.02 -12.26
CA ASN A 190 14.73 -21.59 -12.42
C ASN A 190 13.80 -20.82 -11.49
N VAL A 191 12.53 -21.27 -11.39
CA VAL A 191 11.61 -20.64 -10.45
C VAL A 191 12.19 -20.65 -9.02
N MET A 192 12.63 -21.82 -8.57
CA MET A 192 13.10 -21.90 -7.18
CA MET A 192 13.10 -21.92 -7.18
C MET A 192 14.31 -21.00 -6.97
N THR A 193 15.24 -20.97 -7.93
CA THR A 193 16.45 -20.13 -7.80
C THR A 193 16.12 -18.63 -7.83
N LYS A 194 15.28 -18.20 -8.78
CA LYS A 194 14.98 -16.79 -8.91
C LYS A 194 14.14 -16.31 -7.74
N MET A 195 13.27 -17.15 -7.23
CA MET A 195 12.45 -16.79 -6.07
C MET A 195 13.18 -16.99 -4.74
N GLN A 196 14.29 -17.70 -4.76
CA GLN A 196 15.01 -18.12 -3.53
C GLN A 196 14.07 -18.89 -2.62
N ALA A 197 13.34 -19.83 -3.20
CA ALA A 197 12.40 -20.67 -2.45
C ALA A 197 13.03 -22.05 -2.29
N ASN A 198 12.93 -22.62 -1.10
CA ASN A 198 13.54 -23.93 -0.80
C ASN A 198 12.52 -25.07 -0.87
N SER A 199 11.25 -24.78 -1.14
CA SER A 199 10.22 -25.80 -1.18
C SER A 199 8.97 -25.16 -1.78
N LEU A 200 7.98 -26.00 -2.06
CA LEU A 200 6.69 -25.51 -2.53
C LEU A 200 6.03 -24.63 -1.48
N SER A 201 6.06 -25.01 -0.19
CA SER A 201 5.46 -24.16 0.83
CA SER A 201 5.42 -24.15 0.79
C SER A 201 6.12 -22.79 0.88
N GLU A 202 7.45 -22.74 0.76
CA GLU A 202 8.13 -21.46 0.72
C GLU A 202 7.73 -20.66 -0.49
N LEU A 203 7.61 -21.33 -1.64
CA LEU A 203 7.14 -20.65 -2.85
C LEU A 203 5.74 -20.07 -2.66
N VAL A 204 4.85 -20.82 -2.03
CA VAL A 204 3.52 -20.32 -1.68
C VAL A 204 3.60 -19.06 -0.81
N ARG A 205 4.43 -19.08 0.22
CA ARG A 205 4.44 -17.93 1.12
C ARG A 205 5.02 -16.70 0.43
N LEU A 206 5.99 -16.89 -0.47
CA LEU A 206 6.45 -15.74 -1.25
C LEU A 206 5.32 -15.22 -2.13
N ALA A 207 4.60 -16.12 -2.80
CA ALA A 207 3.43 -15.67 -3.53
C ALA A 207 2.40 -15.00 -2.61
N MET A 208 2.29 -15.41 -1.34
CA MET A 208 1.50 -14.64 -0.38
CA MET A 208 1.50 -14.64 -0.37
C MET A 208 2.00 -13.20 -0.34
N ARG A 209 3.24 -13.02 0.12
CA ARG A 209 3.78 -11.68 0.35
C ARG A 209 3.76 -10.81 -0.89
N ALA A 210 3.69 -11.40 -2.08
CA ALA A 210 3.49 -10.66 -3.31
C ALA A 210 2.01 -10.56 -3.68
N GLY A 211 1.12 -10.99 -2.78
CA GLY A 211 -0.31 -10.93 -3.00
C GLY A 211 -0.79 -11.66 -4.23
N MET A 212 -0.07 -12.70 -4.65
CA MET A 212 -0.44 -13.37 -5.90
C MET A 212 -1.61 -14.33 -5.72
N LEU A 213 -2.14 -14.46 -4.52
CA LEU A 213 -3.30 -15.31 -4.30
C LEU A 213 -4.52 -14.46 -3.96
C1 GOL B . -11.85 20.69 13.81
O1 GOL B . -12.88 21.41 13.19
C2 GOL B . -10.73 21.65 14.27
O2 GOL B . -10.97 23.01 13.99
C3 GOL B . -9.39 21.31 13.64
O3 GOL B . -8.49 21.39 14.74
C1 GOL C . 17.48 -23.36 -5.44
O1 GOL C . 18.48 -22.49 -5.92
C2 GOL C . 16.78 -22.62 -4.29
O2 GOL C . 15.98 -23.53 -3.54
C3 GOL C . 17.68 -21.73 -3.45
O3 GOL C . 16.82 -21.20 -2.41
C1 GOL D . 2.23 27.16 10.40
O1 GOL D . 1.19 26.69 11.25
C2 GOL D . 1.75 27.00 8.97
O2 GOL D . 2.64 27.69 8.09
C3 GOL D . 1.74 25.53 8.59
O3 GOL D . 1.15 25.46 7.32
C1 GOL E . -21.05 22.48 7.05
O1 GOL E . -22.13 23.00 7.86
C2 GOL E . -19.88 22.14 7.97
O2 GOL E . -19.72 20.74 8.05
C3 GOL E . -18.61 22.79 7.43
O3 GOL E . -17.47 22.44 8.18
C FMT F . -11.10 26.67 -0.20
O1 FMT F . -10.55 25.76 -0.83
O2 FMT F . -11.91 26.51 0.71
C FMT G . -16.31 20.01 17.21
O1 FMT G . -15.61 20.80 17.87
O2 FMT G . -16.97 19.08 17.67
C FMT H . -4.76 30.74 12.96
O1 FMT H . -4.62 31.03 11.77
O2 FMT H . -5.83 30.44 13.49
C FMT I . 15.53 -14.88 -17.91
O1 FMT I . 14.73 -13.93 -17.93
O2 FMT I . 16.36 -15.07 -17.01
C FMT J . 3.52 25.36 4.53
O1 FMT J . 3.36 24.80 3.42
O2 FMT J . 2.99 24.99 5.61
C FMT K . -10.95 5.05 15.47
O1 FMT K . -11.59 5.89 14.84
O2 FMT K . -10.55 5.20 16.63
#